data_7QB7
#
_entry.id   7QB7
#
_cell.length_a   102.960
_cell.length_b   102.960
_cell.length_c   127.120
_cell.angle_alpha   90.000
_cell.angle_beta   90.000
_cell.angle_gamma   120.000
#
_symmetry.space_group_name_H-M   'P 32 2 1'
#
loop_
_entity.id
_entity.type
_entity.pdbx_description
1 polymer 'Proline--tRNA ligase'
2 non-polymer PROLINE
3 non-polymer 1,2-ETHANEDIOL
4 non-polymer ~{N}-(2,3-dihydro-1~{H}-inden-2-yl)-3-[[4-[[[(2~{S})-pyrrolidin-2-yl]carbonylamino]methyl]piperidin-1-yl]carbonylamino]pyrazine-2-carboxamide
5 water water
#
_entity_poly.entity_id   1
_entity_poly.type   'polypeptide(L)'
_entity_poly.pdbx_seq_one_letter_code
;SDNAIASNILGITSKKIENFSDWYTQVIVKSELIEYYDISGCYILRPAAYYIWECVQAFFNKEIKKLNVENSYFPLFVTK
NKLEKEKNHIEGFSPEVAWVTKYGDSNLPEEIAIRPTSETIMYSVFPKWIRSYRDLPLKLNQWNTVVRWEFKQPTPFIRT
REFLWQEGHTAHKNEEEAVKLVFDILDLYRRWYEEYLAVPIIKGIKSEGEKFGGANFTSTAEAFISENGRAIQAATSHYL
GTNFAKMFKIEFEDENEVKQYVHQTSWGCTTRSIGIMIMTHGDDKGLVLPPNVSKYKVVIVPIFYKTTDENAIHSYCKDI
EKILKNAQINCVYDDRASYSPGYKFNHWELRGIPIRIEVGPKDLQNNSCVIVRRDNNEKCNVKKESVLLETQQMLVDIHK
NLFLKAKKKLDDSIVQVTSFSEVMNALNKKKMVLAPWCEDIATEEEIKKETQRLSLNQTNSETTLSGAMKPLCIPLDQPP
MPPNMKCFWSGKPAKRWCLFGRSY
;
_entity_poly.pdbx_strand_id   A
#
# COMPACT_ATOMS: atom_id res chain seq x y z
N ASN A 8 -28.01 -10.53 -3.35
CA ASN A 8 -27.60 -11.24 -2.13
C ASN A 8 -26.65 -12.38 -2.47
N ILE A 9 -27.16 -13.38 -3.17
CA ILE A 9 -26.35 -14.56 -3.50
C ILE A 9 -25.19 -14.20 -4.43
N LEU A 10 -25.36 -13.20 -5.30
CA LEU A 10 -24.30 -12.68 -6.16
C LEU A 10 -23.44 -11.60 -5.48
N GLY A 11 -23.73 -11.24 -4.24
CA GLY A 11 -22.99 -10.23 -3.53
C GLY A 11 -21.99 -10.81 -2.55
N ILE A 12 -21.55 -9.96 -1.62
CA ILE A 12 -20.68 -10.42 -0.55
C ILE A 12 -21.54 -11.06 0.53
N THR A 13 -21.22 -12.30 0.88
CA THR A 13 -22.04 -13.03 1.86
C THR A 13 -21.35 -13.22 3.20
N SER A 14 -20.13 -12.72 3.38
CA SER A 14 -19.53 -12.64 4.69
C SER A 14 -19.38 -11.18 5.07
N LYS A 15 -19.65 -10.88 6.34
CA LYS A 15 -19.59 -9.50 6.82
C LYS A 15 -18.17 -9.19 7.25
N LYS A 16 -17.74 -7.96 6.92
CA LYS A 16 -16.35 -7.57 7.18
C LYS A 16 -15.99 -7.75 8.65
N ILE A 17 -16.90 -7.39 9.57
CA ILE A 17 -16.55 -7.46 10.99
C ILE A 17 -16.62 -8.89 11.52
N GLU A 18 -17.48 -9.73 10.95
CA GLU A 18 -17.69 -11.07 11.49
C GLU A 18 -16.67 -12.08 10.99
N ASN A 19 -16.36 -12.08 9.68
CA ASN A 19 -15.42 -13.05 9.08
C ASN A 19 -14.52 -12.27 8.11
N PHE A 20 -13.53 -11.57 8.66
CA PHE A 20 -12.71 -10.65 7.86
C PHE A 20 -12.03 -11.40 6.71
N SER A 21 -11.45 -12.56 7.00
CA SER A 21 -10.70 -13.28 5.98
C SER A 21 -11.59 -13.71 4.82
N ASP A 22 -12.76 -14.29 5.11
CA ASP A 22 -13.61 -14.68 4.00
C ASP A 22 -14.22 -13.46 3.31
N TRP A 23 -14.46 -12.37 4.06
CA TRP A 23 -14.94 -11.15 3.43
C TRP A 23 -13.93 -10.68 2.40
N TYR A 24 -12.65 -10.67 2.78
CA TYR A 24 -11.62 -10.14 1.91
C TYR A 24 -11.52 -10.99 0.64
N THR A 25 -11.49 -12.31 0.79
CA THR A 25 -11.44 -13.17 -0.38
C THR A 25 -12.60 -12.91 -1.31
N GLN A 26 -13.81 -12.81 -0.77
CA GLN A 26 -14.94 -12.57 -1.66
C GLN A 26 -14.79 -11.23 -2.38
N VAL A 27 -14.38 -10.18 -1.65
CA VAL A 27 -14.28 -8.87 -2.27
C VAL A 27 -13.28 -8.90 -3.42
N ILE A 28 -12.08 -9.44 -3.18
CA ILE A 28 -11.09 -9.33 -4.25
C ILE A 28 -11.49 -10.19 -5.44
N VAL A 29 -12.17 -11.31 -5.23
CA VAL A 29 -12.58 -12.13 -6.39
C VAL A 29 -13.79 -11.52 -7.10
N LYS A 30 -14.84 -11.18 -6.33
CA LYS A 30 -16.07 -10.77 -6.99
C LYS A 30 -15.99 -9.37 -7.55
N SER A 31 -15.03 -8.55 -7.11
CA SER A 31 -14.86 -7.27 -7.78
C SER A 31 -13.97 -7.39 -9.02
N GLU A 32 -13.45 -8.59 -9.32
CA GLU A 32 -12.56 -8.80 -10.46
C GLU A 32 -11.19 -8.14 -10.27
N LEU A 33 -10.70 -8.05 -9.01
CA LEU A 33 -9.33 -7.57 -8.80
C LEU A 33 -8.30 -8.68 -8.98
N ILE A 34 -8.61 -9.87 -8.50
CA ILE A 34 -7.62 -10.92 -8.31
C ILE A 34 -8.18 -12.22 -8.90
N GLU A 35 -7.29 -13.02 -9.47
CA GLU A 35 -7.61 -14.39 -9.84
C GLU A 35 -6.58 -15.28 -9.20
N TYR A 36 -7.03 -16.37 -8.57
CA TYR A 36 -6.13 -17.32 -7.94
C TYR A 36 -5.41 -18.15 -8.99
N TYR A 37 -4.35 -18.82 -8.58
CA TYR A 37 -3.41 -19.45 -9.51
C TYR A 37 -2.94 -20.76 -8.89
N ASP A 38 -2.40 -21.66 -9.70
CA ASP A 38 -2.02 -22.97 -9.17
C ASP A 38 -0.59 -23.03 -8.61
N ILE A 39 -0.01 -21.89 -8.25
CA ILE A 39 1.20 -21.87 -7.44
C ILE A 39 0.88 -21.03 -6.22
N SER A 40 1.02 -21.63 -5.05
CA SER A 40 0.57 -20.97 -3.85
C SER A 40 1.36 -19.68 -3.65
N GLY A 41 0.66 -18.64 -3.24
CA GLY A 41 1.34 -17.39 -2.96
C GLY A 41 1.58 -16.52 -4.16
N CYS A 42 1.08 -16.95 -5.33
CA CYS A 42 1.19 -16.17 -6.56
C CYS A 42 -0.21 -15.86 -7.02
N TYR A 43 -0.49 -14.60 -7.34
CA TYR A 43 -1.84 -14.24 -7.74
C TYR A 43 -1.82 -13.41 -9.01
N ILE A 44 -2.90 -13.52 -9.78
CA ILE A 44 -3.05 -12.75 -11.02
C ILE A 44 -3.70 -11.41 -10.70
N LEU A 45 -3.12 -10.30 -11.20
CA LEU A 45 -3.73 -8.98 -11.10
C LEU A 45 -4.57 -8.77 -12.35
N ARG A 46 -5.90 -8.84 -12.20
CA ARG A 46 -6.80 -8.51 -13.30
C ARG A 46 -6.79 -7.00 -13.56
N PRO A 47 -7.39 -6.56 -14.68
CA PRO A 47 -7.31 -5.14 -15.07
C PRO A 47 -7.70 -4.14 -13.98
N ALA A 48 -8.78 -4.37 -13.23
CA ALA A 48 -9.13 -3.38 -12.20
C ALA A 48 -8.01 -3.19 -11.19
N ALA A 49 -7.30 -4.27 -10.87
CA ALA A 49 -6.19 -4.16 -9.91
C ALA A 49 -5.00 -3.49 -10.57
N TYR A 50 -4.64 -3.92 -11.78
CA TYR A 50 -3.47 -3.35 -12.43
C TYR A 50 -3.68 -1.87 -12.74
N TYR A 51 -4.93 -1.46 -13.01
CA TYR A 51 -5.21 -0.04 -13.25
C TYR A 51 -4.78 0.83 -12.06
N ILE A 52 -5.02 0.35 -10.84
CA ILE A 52 -4.60 1.09 -9.63
C ILE A 52 -3.09 1.24 -9.61
N TRP A 53 -2.37 0.15 -9.89
CA TRP A 53 -0.91 0.21 -9.94
C TRP A 53 -0.46 1.25 -10.94
N GLU A 54 -1.05 1.24 -12.15
CA GLU A 54 -0.64 2.23 -13.12
C GLU A 54 -0.90 3.63 -12.64
N CYS A 55 -1.99 3.84 -11.90
CA CYS A 55 -2.29 5.19 -11.40
C CYS A 55 -1.22 5.64 -10.42
N VAL A 56 -0.88 4.78 -9.47
CA VAL A 56 0.10 5.25 -8.47
C VAL A 56 1.47 5.30 -9.09
N GLN A 57 1.74 4.43 -10.07
CA GLN A 57 2.98 4.51 -10.84
C GLN A 57 3.14 5.86 -11.51
N ALA A 58 2.08 6.35 -12.17
CA ALA A 58 2.18 7.65 -12.84
C ALA A 58 2.42 8.77 -11.83
N PHE A 59 1.75 8.72 -10.70
CA PHE A 59 2.00 9.74 -9.68
C PHE A 59 3.45 9.70 -9.21
N PHE A 60 3.91 8.52 -8.77
CA PHE A 60 5.23 8.46 -8.14
C PHE A 60 6.31 8.84 -9.14
N ASN A 61 6.16 8.39 -10.39
CA ASN A 61 7.11 8.76 -11.43
C ASN A 61 7.25 10.28 -11.55
N LYS A 62 6.12 10.97 -11.63
CA LYS A 62 6.14 12.43 -11.76
C LYS A 62 6.85 13.06 -10.58
N GLU A 63 6.66 12.52 -9.40
CA GLU A 63 7.27 13.14 -8.22
C GLU A 63 8.75 12.82 -8.11
N ILE A 64 9.17 11.59 -8.38
CA ILE A 64 10.61 11.34 -8.26
C ILE A 64 11.38 12.00 -9.37
N LYS A 65 10.72 12.32 -10.49
CA LYS A 65 11.42 13.03 -11.57
C LYS A 65 11.86 14.40 -11.10
N LYS A 66 11.05 15.03 -10.24
CA LYS A 66 11.39 16.32 -9.67
C LYS A 66 12.58 16.23 -8.74
N LEU A 67 12.88 15.04 -8.21
CA LEU A 67 14.07 14.82 -7.41
C LEU A 67 15.25 14.34 -8.24
N ASN A 68 15.12 14.33 -9.59
CA ASN A 68 16.16 13.86 -10.49
C ASN A 68 16.44 12.37 -10.40
N VAL A 69 15.50 11.57 -9.93
CA VAL A 69 15.66 10.12 -9.97
C VAL A 69 15.28 9.65 -11.38
N GLU A 70 16.03 8.72 -11.95
CA GLU A 70 15.73 8.23 -13.30
C GLU A 70 15.43 6.75 -13.26
N ASN A 71 14.45 6.33 -14.06
CA ASN A 71 14.13 4.92 -14.13
C ASN A 71 15.18 4.13 -14.91
N SER A 72 15.27 2.84 -14.61
CA SER A 72 16.28 1.96 -15.18
C SER A 72 15.73 0.54 -15.06
N TYR A 73 16.47 -0.43 -15.59
CA TYR A 73 16.08 -1.83 -15.43
C TYR A 73 17.32 -2.71 -15.29
N PHE A 74 17.41 -3.45 -14.19
CA PHE A 74 18.53 -4.36 -13.93
C PHE A 74 18.05 -5.80 -13.98
N PRO A 75 18.96 -6.75 -14.14
CA PRO A 75 18.57 -8.13 -14.40
C PRO A 75 17.77 -8.73 -13.26
N LEU A 76 16.94 -9.70 -13.63
CA LEU A 76 16.17 -10.47 -12.67
C LEU A 76 17.07 -11.38 -11.84
N PHE A 77 18.26 -11.70 -12.34
CA PHE A 77 19.13 -12.70 -11.75
C PHE A 77 20.41 -12.12 -11.17
N VAL A 78 20.95 -12.82 -10.15
CA VAL A 78 22.20 -12.46 -9.47
C VAL A 78 23.02 -13.73 -9.23
N THR A 79 24.34 -13.62 -9.36
CA THR A 79 25.24 -14.74 -9.11
C THR A 79 25.52 -14.89 -7.60
N LYS A 80 25.92 -16.10 -7.20
CA LYS A 80 26.36 -16.31 -5.82
C LYS A 80 27.43 -15.32 -5.43
N ASN A 81 28.33 -15.00 -6.36
CA ASN A 81 29.43 -14.07 -6.06
C ASN A 81 28.91 -12.74 -5.57
N LYS A 82 28.04 -12.09 -6.36
CA LYS A 82 27.54 -10.77 -5.97
C LYS A 82 26.61 -10.88 -4.77
N LEU A 83 25.77 -11.93 -4.75
CA LEU A 83 24.77 -12.06 -3.69
C LEU A 83 25.44 -12.30 -2.34
N GLU A 84 26.64 -12.88 -2.35
CA GLU A 84 27.39 -13.23 -1.14
C GLU A 84 28.08 -12.02 -0.50
N LYS A 85 28.39 -10.98 -1.26
CA LYS A 85 29.02 -9.80 -0.66
C LYS A 85 28.15 -9.16 0.42
N GLU A 86 26.87 -9.54 0.52
CA GLU A 86 25.93 -8.97 1.51
C GLU A 86 25.81 -9.85 2.77
N PHE A 93 17.80 -12.89 4.05
CA PHE A 93 17.10 -13.28 2.81
C PHE A 93 17.29 -14.74 2.37
N SER A 94 18.49 -15.29 2.60
CA SER A 94 18.95 -16.47 1.87
C SER A 94 17.97 -17.64 1.88
N PRO A 95 17.24 -17.94 2.97
CA PRO A 95 16.24 -19.04 2.89
C PRO A 95 15.07 -18.75 1.93
N GLU A 96 14.78 -17.48 1.65
CA GLU A 96 13.68 -17.12 0.77
C GLU A 96 14.12 -16.78 -0.66
N VAL A 97 15.40 -17.02 -0.99
CA VAL A 97 15.93 -16.71 -2.33
C VAL A 97 15.72 -17.93 -3.23
N ALA A 98 15.00 -17.74 -4.33
CA ALA A 98 14.74 -18.85 -5.25
C ALA A 98 15.89 -19.01 -6.24
N TRP A 99 16.30 -20.27 -6.49
CA TRP A 99 17.46 -20.55 -7.35
C TRP A 99 17.04 -21.27 -8.63
N VAL A 100 17.52 -20.74 -9.77
CA VAL A 100 17.43 -21.41 -11.06
C VAL A 100 18.63 -22.33 -11.19
N THR A 101 18.38 -23.59 -11.53
CA THR A 101 19.45 -24.58 -11.61
C THR A 101 19.45 -25.35 -12.92
N LYS A 102 18.48 -25.11 -13.79
CA LYS A 102 18.33 -25.95 -14.96
C LYS A 102 17.70 -25.15 -16.10
N TYR A 103 18.16 -25.42 -17.31
CA TYR A 103 17.50 -24.96 -18.53
C TYR A 103 17.07 -26.20 -19.29
N GLY A 104 15.78 -26.31 -19.60
CA GLY A 104 15.28 -27.57 -20.14
C GLY A 104 15.61 -28.67 -19.16
N ASP A 105 16.24 -29.75 -19.66
CA ASP A 105 16.65 -30.86 -18.81
C ASP A 105 18.13 -30.84 -18.45
N SER A 106 18.85 -29.77 -18.79
CA SER A 106 20.28 -29.65 -18.55
C SER A 106 20.55 -28.71 -17.39
N ASN A 107 21.50 -29.08 -16.54
CA ASN A 107 21.84 -28.23 -15.42
C ASN A 107 22.64 -27.02 -15.89
N LEU A 108 22.48 -25.91 -15.19
CA LEU A 108 23.22 -24.70 -15.53
C LEU A 108 24.69 -24.90 -15.16
N PRO A 109 25.60 -24.31 -15.91
CA PRO A 109 27.02 -24.30 -15.48
C PRO A 109 27.17 -23.78 -14.05
N GLU A 110 26.39 -22.77 -13.68
CA GLU A 110 26.38 -22.29 -12.31
C GLU A 110 24.97 -21.81 -11.99
N GLU A 111 24.52 -22.11 -10.79
CA GLU A 111 23.17 -21.74 -10.38
C GLU A 111 23.06 -20.22 -10.22
N ILE A 112 21.89 -19.67 -10.55
CA ILE A 112 21.67 -18.23 -10.40
C ILE A 112 20.39 -17.96 -9.60
N ALA A 113 20.40 -16.87 -8.85
CA ALA A 113 19.29 -16.55 -7.95
C ALA A 113 18.35 -15.50 -8.57
N ILE A 114 17.07 -15.62 -8.25
CA ILE A 114 16.11 -14.59 -8.62
C ILE A 114 16.15 -13.47 -7.57
N ARG A 115 16.15 -12.22 -8.03
CA ARG A 115 16.25 -11.09 -7.10
C ARG A 115 15.15 -11.10 -6.04
N PRO A 116 15.47 -11.01 -4.74
CA PRO A 116 14.44 -10.64 -3.75
C PRO A 116 14.38 -9.14 -3.51
N THR A 117 15.38 -8.42 -4.02
CA THR A 117 15.64 -7.00 -3.91
C THR A 117 16.96 -6.79 -4.67
N SER A 118 17.20 -5.57 -5.15
CA SER A 118 18.27 -5.47 -6.13
C SER A 118 19.53 -4.75 -5.62
N GLU A 119 19.68 -4.54 -4.30
CA GLU A 119 20.92 -3.92 -3.85
C GLU A 119 22.16 -4.59 -4.46
N THR A 120 22.24 -5.93 -4.37
CA THR A 120 23.53 -6.54 -4.70
C THR A 120 23.72 -6.57 -6.21
N ILE A 121 22.61 -6.62 -6.94
CA ILE A 121 22.67 -6.58 -8.40
C ILE A 121 23.15 -5.20 -8.87
N MET A 122 22.50 -4.14 -8.36
CA MET A 122 22.81 -2.78 -8.81
C MET A 122 24.16 -2.33 -8.28
N TYR A 123 24.42 -2.54 -7.00
CA TYR A 123 25.67 -2.04 -6.46
C TYR A 123 26.87 -2.82 -6.96
N SER A 124 26.66 -3.96 -7.59
CA SER A 124 27.77 -4.66 -8.24
C SER A 124 28.45 -3.80 -9.30
N VAL A 125 27.74 -2.83 -9.88
CA VAL A 125 28.28 -2.01 -10.96
C VAL A 125 28.41 -0.54 -10.56
N PHE A 126 27.92 -0.13 -9.39
CA PHE A 126 27.96 1.26 -8.98
C PHE A 126 29.40 1.80 -8.99
N PRO A 127 30.40 0.99 -8.65
CA PRO A 127 31.79 1.49 -8.65
C PRO A 127 32.28 1.94 -10.02
N LYS A 128 31.86 1.29 -11.12
CA LYS A 128 32.22 1.77 -12.45
C LYS A 128 31.62 3.14 -12.76
N TRP A 129 30.44 3.44 -12.23
CA TRP A 129 29.73 4.68 -12.53
C TRP A 129 30.11 5.84 -11.61
N ILE A 130 30.71 5.56 -10.45
CA ILE A 130 30.99 6.57 -9.44
C ILE A 130 32.49 6.51 -9.24
N ARG A 131 33.19 7.55 -9.67
CA ARG A 131 34.64 7.61 -9.52
C ARG A 131 35.05 8.89 -8.82
N SER A 132 34.25 9.95 -8.95
CA SER A 132 34.66 11.25 -8.47
C SER A 132 33.44 11.97 -7.94
N TYR A 133 33.65 13.01 -7.14
CA TYR A 133 32.53 13.78 -6.60
C TYR A 133 31.63 14.29 -7.72
N ARG A 134 32.15 14.37 -8.95
CA ARG A 134 31.38 14.91 -10.07
C ARG A 134 30.25 13.98 -10.47
N ASP A 135 30.39 12.70 -10.17
CA ASP A 135 29.44 11.65 -10.52
C ASP A 135 28.28 11.52 -9.54
N LEU A 136 28.19 12.41 -8.55
CA LEU A 136 27.21 12.29 -7.50
C LEU A 136 26.31 13.51 -7.50
N PRO A 137 25.06 13.35 -7.10
CA PRO A 137 24.47 12.08 -6.62
C PRO A 137 24.05 11.16 -7.77
N LEU A 138 23.98 9.87 -7.53
CA LEU A 138 23.45 8.90 -8.50
C LEU A 138 22.06 8.52 -8.01
N LYS A 139 21.05 8.62 -8.87
CA LYS A 139 19.67 8.45 -8.39
C LYS A 139 18.92 7.57 -9.39
N LEU A 140 18.56 6.36 -8.97
CA LEU A 140 17.96 5.35 -9.85
C LEU A 140 16.70 4.79 -9.24
N ASN A 141 15.78 4.39 -10.11
CA ASN A 141 14.60 3.67 -9.68
C ASN A 141 14.32 2.54 -10.67
N GLN A 142 13.69 1.47 -10.18
CA GLN A 142 13.18 0.42 -11.07
C GLN A 142 11.74 0.15 -10.73
N TRP A 143 10.91 -0.15 -11.75
CA TRP A 143 9.58 -0.72 -11.56
C TRP A 143 9.74 -2.19 -11.97
N ASN A 144 9.62 -3.14 -11.04
CA ASN A 144 9.87 -4.52 -11.45
C ASN A 144 9.11 -5.47 -10.53
N THR A 145 9.33 -6.79 -10.66
CA THR A 145 8.82 -7.68 -9.63
C THR A 145 9.99 -8.37 -8.94
N VAL A 146 9.78 -8.77 -7.70
CA VAL A 146 10.80 -9.45 -6.92
C VAL A 146 10.12 -10.69 -6.35
N VAL A 147 10.94 -11.63 -5.87
CA VAL A 147 10.46 -12.92 -5.44
C VAL A 147 11.07 -13.22 -4.08
N ARG A 148 10.22 -13.53 -3.10
CA ARG A 148 10.65 -13.88 -1.76
C ARG A 148 9.86 -15.14 -1.43
N TRP A 149 10.51 -16.29 -1.52
CA TRP A 149 9.80 -17.58 -1.51
C TRP A 149 9.63 -18.05 -0.07
N GLU A 150 8.81 -17.32 0.66
CA GLU A 150 8.59 -17.63 2.07
C GLU A 150 7.50 -18.68 2.17
N PHE A 151 7.44 -19.31 3.34
CA PHE A 151 6.44 -20.34 3.60
C PHE A 151 5.44 -19.90 4.65
N LYS A 152 5.45 -18.63 5.00
CA LYS A 152 4.35 -18.07 5.77
C LYS A 152 3.07 -18.09 4.95
N GLN A 153 1.94 -17.97 5.63
CA GLN A 153 0.64 -17.96 4.95
C GLN A 153 0.55 -16.75 4.04
N PRO A 154 0.31 -16.91 2.74
CA PRO A 154 0.19 -15.73 1.89
C PRO A 154 -1.18 -15.10 2.04
N THR A 155 -1.26 -13.85 1.63
CA THR A 155 -2.48 -13.07 1.56
C THR A 155 -2.45 -12.28 0.27
N PRO A 156 -3.44 -12.40 -0.62
CA PRO A 156 -3.38 -11.65 -1.87
C PRO A 156 -3.08 -10.19 -1.57
N PHE A 157 -2.28 -9.59 -2.43
CA PHE A 157 -1.78 -8.23 -2.40
C PHE A 157 -0.77 -7.98 -1.26
N ILE A 158 -1.11 -8.40 -0.04
CA ILE A 158 -0.39 -7.97 1.17
C ILE A 158 0.88 -8.77 1.39
N ARG A 159 0.84 -10.07 1.18
CA ARG A 159 1.88 -11.01 1.58
C ARG A 159 1.94 -12.06 0.48
N THR A 160 2.75 -11.81 -0.54
CA THR A 160 2.80 -12.73 -1.68
C THR A 160 4.24 -13.08 -2.01
N ARG A 161 4.42 -14.25 -2.63
CA ARG A 161 5.78 -14.69 -2.94
C ARG A 161 6.37 -13.92 -4.12
N GLU A 162 5.57 -13.51 -5.08
CA GLU A 162 5.99 -12.62 -6.15
C GLU A 162 5.20 -11.35 -6.00
N PHE A 163 5.84 -10.19 -6.10
CA PHE A 163 5.07 -8.97 -6.04
C PHE A 163 5.70 -7.88 -6.89
N LEU A 164 4.85 -6.96 -7.37
CA LEU A 164 5.29 -5.79 -8.10
C LEU A 164 5.64 -4.67 -7.13
N TRP A 165 6.71 -3.93 -7.45
CA TRP A 165 7.03 -2.76 -6.62
C TRP A 165 7.78 -1.76 -7.45
N GLN A 166 8.13 -0.64 -6.82
CA GLN A 166 9.29 0.11 -7.27
C GLN A 166 10.33 0.00 -6.18
N GLU A 167 11.60 -0.02 -6.58
CA GLU A 167 12.71 0.12 -5.62
C GLU A 167 13.62 1.24 -6.11
N GLY A 168 13.86 2.23 -5.24
CA GLY A 168 14.72 3.34 -5.57
C GLY A 168 16.01 3.20 -4.81
N HIS A 169 17.10 3.66 -5.41
CA HIS A 169 18.45 3.52 -4.89
C HIS A 169 19.20 4.80 -5.23
N THR A 170 19.73 5.51 -4.23
CA THR A 170 20.54 6.69 -4.51
C THR A 170 21.88 6.58 -3.78
N ALA A 171 22.86 7.34 -4.26
CA ALA A 171 24.20 7.44 -3.68
C ALA A 171 24.59 8.91 -3.64
N HIS A 172 25.07 9.38 -2.47
CA HIS A 172 25.36 10.79 -2.24
C HIS A 172 26.76 11.00 -1.68
N LYS A 173 27.24 12.24 -1.78
CA LYS A 173 28.59 12.57 -1.30
C LYS A 173 28.67 12.64 0.23
N ASN A 174 27.56 12.72 0.93
CA ASN A 174 27.61 12.84 2.39
C ASN A 174 26.29 12.35 2.99
N GLU A 175 26.26 12.31 4.31
CA GLU A 175 25.11 11.81 5.05
C GLU A 175 23.94 12.77 5.01
N GLU A 176 24.20 14.07 5.13
CA GLU A 176 23.11 15.02 5.18
C GLU A 176 22.23 14.93 3.94
N GLU A 177 22.84 14.84 2.78
CA GLU A 177 22.05 14.82 1.55
C GLU A 177 21.23 13.53 1.46
N ALA A 178 21.85 12.39 1.79
CA ALA A 178 21.13 11.13 1.72
C ALA A 178 19.95 11.13 2.69
N VAL A 179 20.18 11.54 3.93
CA VAL A 179 19.10 11.47 4.90
C VAL A 179 17.95 12.37 4.50
N LYS A 180 18.24 13.55 3.96
CA LYS A 180 17.15 14.40 3.49
C LYS A 180 16.33 13.69 2.39
N LEU A 181 17.00 13.01 1.48
CA LEU A 181 16.24 12.27 0.46
C LEU A 181 15.40 11.16 1.07
N VAL A 182 15.96 10.41 2.04
CA VAL A 182 15.19 9.38 2.74
C VAL A 182 13.82 9.92 3.14
N PHE A 183 13.81 11.10 3.76
CA PHE A 183 12.56 11.60 4.30
C PHE A 183 11.70 12.31 3.25
N ASP A 184 12.31 12.85 2.19
CA ASP A 184 11.53 13.31 1.04
C ASP A 184 10.73 12.15 0.42
N ILE A 185 11.41 11.03 0.15
CA ILE A 185 10.72 9.84 -0.36
C ILE A 185 9.61 9.42 0.61
N LEU A 186 9.93 9.36 1.91
CA LEU A 186 8.91 8.91 2.86
C LEU A 186 7.66 9.76 2.74
N ASP A 187 7.81 11.07 2.51
CA ASP A 187 6.60 11.89 2.39
C ASP A 187 5.90 11.65 1.04
N LEU A 188 6.63 11.27 0.01
CA LEU A 188 5.95 10.91 -1.23
C LEU A 188 5.08 9.69 -1.03
N TYR A 189 5.57 8.72 -0.23
CA TYR A 189 4.73 7.58 0.13
C TYR A 189 3.52 8.03 0.93
N ARG A 190 3.69 8.94 1.91
CA ARG A 190 2.51 9.50 2.55
C ARG A 190 1.51 10.00 1.49
N ARG A 191 2.00 10.72 0.47
CA ARG A 191 1.07 11.29 -0.53
C ARG A 191 0.47 10.20 -1.41
N TRP A 192 1.29 9.26 -1.87
CA TRP A 192 0.76 8.12 -2.63
C TRP A 192 -0.43 7.50 -1.91
N TYR A 193 -0.28 7.24 -0.61
CA TYR A 193 -1.36 6.61 0.15
C TYR A 193 -2.51 7.59 0.37
N GLU A 194 -2.20 8.84 0.72
CA GLU A 194 -3.29 9.76 1.06
C GLU A 194 -4.03 10.25 -0.19
N GLU A 195 -3.30 10.70 -1.21
CA GLU A 195 -3.97 11.38 -2.32
C GLU A 195 -4.54 10.41 -3.35
N TYR A 196 -4.01 9.20 -3.46
CA TYR A 196 -4.56 8.25 -4.41
C TYR A 196 -5.33 7.13 -3.74
N LEU A 197 -4.88 6.62 -2.62
CA LEU A 197 -5.60 5.53 -2.00
C LEU A 197 -6.48 5.96 -0.84
N ALA A 198 -6.43 7.22 -0.44
CA ALA A 198 -7.23 7.73 0.70
C ALA A 198 -6.94 6.96 1.98
N VAL A 199 -5.68 6.58 2.17
CA VAL A 199 -5.24 5.79 3.31
C VAL A 199 -4.28 6.64 4.15
N PRO A 200 -4.53 6.80 5.44
CA PRO A 200 -3.59 7.52 6.31
C PRO A 200 -2.51 6.57 6.82
N ILE A 201 -1.30 7.08 6.97
CA ILE A 201 -0.22 6.27 7.51
C ILE A 201 0.43 7.02 8.67
N ILE A 202 1.26 6.30 9.43
CA ILE A 202 2.03 6.87 10.53
C ILE A 202 3.50 6.75 10.15
N LYS A 203 4.22 7.87 10.12
CA LYS A 203 5.66 7.85 9.88
C LYS A 203 6.45 7.53 11.14
N GLY A 204 7.48 6.70 11.01
CA GLY A 204 8.35 6.46 12.15
C GLY A 204 9.62 5.77 11.75
N ILE A 205 10.39 5.38 12.75
CA ILE A 205 11.67 4.71 12.56
C ILE A 205 11.52 3.28 13.06
N LYS A 206 12.10 2.34 12.33
CA LYS A 206 12.02 0.97 12.79
C LYS A 206 12.95 0.75 13.99
N SER A 207 12.57 -0.19 14.85
CA SER A 207 13.48 -0.65 15.91
C SER A 207 14.68 -1.33 15.29
N GLU A 208 15.74 -1.49 16.08
CA GLU A 208 16.93 -2.16 15.57
C GLU A 208 16.63 -3.60 15.15
N GLY A 209 15.75 -4.31 15.86
CA GLY A 209 15.46 -5.67 15.45
C GLY A 209 14.68 -5.76 14.14
N GLU A 210 14.01 -4.68 13.73
CA GLU A 210 13.13 -4.74 12.58
C GLU A 210 13.67 -3.97 11.37
N LYS A 211 14.80 -3.30 11.48
CA LYS A 211 15.29 -2.50 10.37
C LYS A 211 15.89 -3.41 9.30
N PHE A 212 16.09 -2.83 8.12
CA PHE A 212 16.57 -3.55 6.94
C PHE A 212 18.02 -3.97 7.16
N GLY A 213 18.35 -5.17 6.68
CA GLY A 213 19.70 -5.69 6.80
C GLY A 213 20.71 -4.85 6.05
N GLY A 214 21.68 -4.32 6.77
CA GLY A 214 22.64 -3.42 6.19
C GLY A 214 22.28 -1.95 6.32
N ALA A 215 21.08 -1.63 6.82
CA ALA A 215 20.68 -0.24 6.89
C ALA A 215 21.30 0.41 8.12
N ASN A 216 21.61 1.69 7.98
CA ASN A 216 21.91 2.48 9.16
C ASN A 216 20.63 2.74 9.97
N PHE A 217 19.59 3.28 9.33
CA PHE A 217 18.25 3.23 9.93
C PHE A 217 17.21 3.06 8.83
N THR A 218 16.03 2.60 9.22
CA THR A 218 14.91 2.35 8.32
C THR A 218 13.75 3.22 8.77
N SER A 219 13.30 4.13 7.92
CA SER A 219 12.05 4.84 8.17
C SER A 219 10.92 4.06 7.53
N THR A 220 9.70 4.25 8.04
CA THR A 220 8.59 3.41 7.61
C THR A 220 7.31 4.22 7.66
N ALA A 221 6.38 3.88 6.76
CA ALA A 221 5.01 4.33 6.82
C ALA A 221 4.21 3.13 7.30
N GLU A 222 3.53 3.26 8.44
CA GLU A 222 2.72 2.17 8.98
C GLU A 222 1.23 2.45 8.81
N ALA A 223 0.49 1.43 8.42
CA ALA A 223 -0.96 1.49 8.32
C ALA A 223 -1.56 0.54 9.34
N PHE A 224 -2.87 0.65 9.55
CA PHE A 224 -3.52 -0.21 10.50
C PHE A 224 -4.90 -0.59 9.99
N ILE A 225 -5.25 -1.86 10.11
CA ILE A 225 -6.54 -2.36 9.68
C ILE A 225 -7.39 -2.54 10.94
N SER A 226 -8.29 -1.61 11.22
CA SER A 226 -8.95 -1.65 12.52
C SER A 226 -9.92 -2.82 12.64
N GLU A 227 -10.46 -3.34 11.52
CA GLU A 227 -11.44 -4.41 11.62
C GLU A 227 -10.84 -5.71 12.16
N ASN A 228 -9.55 -5.97 11.93
CA ASN A 228 -8.98 -7.14 12.60
C ASN A 228 -7.78 -6.81 13.50
N GLY A 229 -7.51 -5.54 13.77
CA GLY A 229 -6.50 -5.17 14.75
C GLY A 229 -5.05 -5.38 14.32
N ARG A 230 -4.76 -5.28 13.03
CA ARG A 230 -3.44 -5.63 12.54
C ARG A 230 -2.79 -4.43 11.86
N ALA A 231 -1.57 -4.12 12.27
CA ALA A 231 -0.75 -3.15 11.57
C ALA A 231 -0.19 -3.77 10.28
N ILE A 232 0.12 -2.92 9.29
CA ILE A 232 0.76 -3.38 8.05
C ILE A 232 1.78 -2.32 7.63
N GLN A 233 3.02 -2.72 7.43
CA GLN A 233 4.01 -1.76 6.94
C GLN A 233 3.67 -1.39 5.50
N ALA A 234 3.47 -0.11 5.26
CA ALA A 234 2.95 0.33 3.98
C ALA A 234 4.05 0.69 2.98
N ALA A 235 5.20 1.13 3.46
CA ALA A 235 6.29 1.57 2.59
C ALA A 235 7.53 1.71 3.45
N THR A 236 8.69 1.80 2.81
CA THR A 236 9.92 1.90 3.58
C THR A 236 10.97 2.76 2.90
N SER A 237 11.80 3.42 3.71
CA SER A 237 12.84 4.26 3.11
C SER A 237 14.05 4.20 4.03
N HIS A 238 15.15 3.67 3.53
CA HIS A 238 16.29 3.26 4.33
C HIS A 238 17.40 4.26 4.12
N TYR A 239 18.02 4.68 5.22
CA TYR A 239 19.34 5.28 5.13
C TYR A 239 20.37 4.16 5.27
N LEU A 240 21.11 3.88 4.20
CA LEU A 240 22.08 2.80 4.25
C LEU A 240 23.46 3.26 4.75
N GLY A 241 23.62 4.54 5.03
CA GLY A 241 24.95 5.07 5.38
C GLY A 241 26.00 4.61 4.39
N THR A 242 27.18 4.28 4.90
CA THR A 242 28.23 3.73 4.05
C THR A 242 28.31 2.21 4.10
N ASN A 243 27.33 1.53 4.72
CA ASN A 243 27.45 0.10 4.91
C ASN A 243 27.58 -0.65 3.59
N PHE A 244 26.71 -0.36 2.62
CA PHE A 244 26.81 -1.07 1.36
C PHE A 244 28.03 -0.60 0.55
N ALA A 245 28.41 0.67 0.70
CA ALA A 245 29.60 1.17 0.00
C ALA A 245 30.85 0.36 0.39
N LYS A 246 31.00 0.03 1.67
CA LYS A 246 32.12 -0.82 2.10
C LYS A 246 32.04 -2.20 1.48
N MET A 247 30.85 -2.81 1.50
CA MET A 247 30.71 -4.16 0.97
C MET A 247 31.03 -4.21 -0.52
N PHE A 248 30.65 -3.18 -1.28
CA PHE A 248 30.82 -3.23 -2.73
C PHE A 248 31.91 -2.30 -3.21
N LYS A 249 32.63 -1.67 -2.29
CA LYS A 249 33.77 -0.83 -2.61
C LYS A 249 33.34 0.31 -3.53
N ILE A 250 32.32 1.04 -3.11
CA ILE A 250 31.80 2.18 -3.85
C ILE A 250 32.44 3.41 -3.23
N GLU A 251 33.64 3.74 -3.73
CA GLU A 251 34.44 4.88 -3.30
C GLU A 251 34.44 5.93 -4.38
N PHE A 252 34.53 7.20 -3.97
CA PHE A 252 34.74 8.29 -4.91
C PHE A 252 35.80 9.25 -4.39
N GLU A 253 36.44 9.97 -5.31
CA GLU A 253 37.45 10.95 -4.94
C GLU A 253 36.76 12.30 -4.76
N ASP A 254 36.85 12.87 -3.55
CA ASP A 254 36.08 14.07 -3.22
C ASP A 254 36.86 15.30 -3.69
N GLU A 255 36.35 16.50 -3.37
CA GLU A 255 36.92 17.73 -3.90
C GLU A 255 38.32 17.97 -3.39
N ASN A 256 38.66 17.41 -2.25
CA ASN A 256 40.01 17.51 -1.70
C ASN A 256 40.90 16.34 -2.12
N GLU A 257 40.50 15.58 -3.15
CA GLU A 257 41.24 14.42 -3.64
C GLU A 257 41.35 13.31 -2.59
N VAL A 258 40.39 13.22 -1.66
CA VAL A 258 40.36 12.15 -0.67
C VAL A 258 39.32 11.10 -1.06
N LYS A 259 39.70 9.83 -1.02
CA LYS A 259 38.74 8.75 -1.23
C LYS A 259 37.73 8.72 -0.09
N GLN A 260 36.46 8.68 -0.44
CA GLN A 260 35.35 8.58 0.51
C GLN A 260 34.38 7.51 0.04
N TYR A 261 33.65 6.92 0.98
CA TYR A 261 32.53 6.06 0.62
C TYR A 261 31.29 6.91 0.34
N VAL A 262 30.43 6.43 -0.57
CA VAL A 262 29.16 7.11 -0.81
C VAL A 262 28.22 6.84 0.35
N HIS A 263 27.29 7.74 0.58
CA HIS A 263 26.17 7.50 1.47
C HIS A 263 24.95 7.15 0.65
N GLN A 264 24.32 6.02 0.95
CA GLN A 264 23.31 5.45 0.07
C GLN A 264 21.94 5.42 0.73
N THR A 265 20.90 5.41 -0.11
CA THR A 265 19.54 5.16 0.34
C THR A 265 18.93 4.08 -0.54
N SER A 266 17.88 3.45 -0.04
CA SER A 266 17.00 2.68 -0.91
C SER A 266 15.61 2.70 -0.29
N TRP A 267 14.60 2.49 -1.13
CA TRP A 267 13.23 2.71 -0.69
C TRP A 267 12.29 1.97 -1.63
N GLY A 268 11.22 1.44 -1.06
CA GLY A 268 10.24 0.72 -1.88
C GLY A 268 8.82 0.78 -1.33
N CYS A 269 7.91 0.47 -2.22
CA CYS A 269 6.48 0.44 -1.96
C CYS A 269 5.89 -0.50 -3.00
N THR A 270 4.98 -1.36 -2.59
CA THR A 270 4.57 -2.49 -3.41
C THR A 270 3.07 -2.47 -3.70
N THR A 271 2.61 -3.47 -4.46
CA THR A 271 1.19 -3.69 -4.61
C THR A 271 0.50 -4.06 -3.29
N ARG A 272 1.24 -4.28 -2.20
CA ARG A 272 0.57 -4.32 -0.90
C ARG A 272 -0.30 -3.09 -0.71
N SER A 273 0.14 -1.94 -1.23
CA SER A 273 -0.64 -0.73 -1.06
C SER A 273 -2.07 -0.91 -1.54
N ILE A 274 -2.27 -1.67 -2.63
CA ILE A 274 -3.65 -1.91 -3.08
C ILE A 274 -4.42 -2.71 -2.04
N GLY A 275 -3.78 -3.72 -1.45
CA GLY A 275 -4.47 -4.49 -0.43
C GLY A 275 -4.85 -3.66 0.78
N ILE A 276 -3.95 -2.75 1.20
CA ILE A 276 -4.27 -1.86 2.32
C ILE A 276 -5.47 -0.98 1.97
N MET A 277 -5.52 -0.46 0.74
CA MET A 277 -6.66 0.32 0.29
C MET A 277 -7.96 -0.47 0.39
N ILE A 278 -7.95 -1.72 -0.13
CA ILE A 278 -9.15 -2.55 -0.10
C ILE A 278 -9.60 -2.81 1.33
N MET A 279 -8.67 -3.25 2.19
CA MET A 279 -9.03 -3.56 3.57
C MET A 279 -9.49 -2.31 4.31
N THR A 280 -9.01 -1.15 3.90
CA THR A 280 -9.39 0.09 4.59
C THR A 280 -10.81 0.54 4.21
N HIS A 281 -11.13 0.62 2.90
CA HIS A 281 -12.39 1.21 2.48
C HIS A 281 -13.47 0.20 2.14
N GLY A 282 -13.12 -1.07 1.96
CA GLY A 282 -14.10 -2.04 1.52
C GLY A 282 -15.22 -2.18 2.55
N ASP A 283 -16.43 -2.45 2.07
CA ASP A 283 -17.57 -2.62 2.97
C ASP A 283 -18.36 -3.89 2.64
N ASP A 284 -19.55 -4.06 3.22
CA ASP A 284 -20.27 -5.32 3.02
C ASP A 284 -20.98 -5.38 1.67
N LYS A 285 -20.92 -4.32 0.88
CA LYS A 285 -21.35 -4.40 -0.51
C LYS A 285 -20.19 -4.71 -1.45
N GLY A 286 -18.95 -4.71 -0.97
CA GLY A 286 -17.81 -5.05 -1.79
C GLY A 286 -16.79 -3.93 -1.87
N LEU A 287 -16.15 -3.81 -3.03
CA LEU A 287 -15.01 -2.94 -3.18
C LEU A 287 -15.47 -1.49 -3.15
N VAL A 288 -14.65 -0.61 -2.59
CA VAL A 288 -14.89 0.82 -2.63
C VAL A 288 -13.59 1.48 -3.11
N LEU A 289 -13.66 2.19 -4.23
CA LEU A 289 -12.47 2.75 -4.88
C LEU A 289 -12.47 4.25 -4.72
N PRO A 290 -11.38 4.83 -4.23
CA PRO A 290 -11.16 6.25 -4.41
C PRO A 290 -11.21 6.59 -5.88
N PRO A 291 -11.93 7.65 -6.26
CA PRO A 291 -12.05 7.99 -7.70
C PRO A 291 -10.73 8.01 -8.46
N ASN A 292 -9.64 8.49 -7.84
CA ASN A 292 -8.37 8.59 -8.53
C ASN A 292 -7.81 7.24 -9.00
N VAL A 293 -8.33 6.11 -8.53
CA VAL A 293 -7.79 4.84 -8.99
C VAL A 293 -8.88 3.95 -9.58
N SER A 294 -9.98 4.55 -10.03
CA SER A 294 -11.08 3.84 -10.67
C SER A 294 -11.11 4.21 -12.14
N LYS A 295 -11.13 3.21 -13.03
CA LYS A 295 -11.22 3.49 -14.44
C LYS A 295 -12.52 4.24 -14.74
N TYR A 296 -13.65 3.68 -14.34
CA TYR A 296 -14.93 4.36 -14.54
C TYR A 296 -15.23 5.15 -13.27
N LYS A 297 -15.40 6.48 -13.42
CA LYS A 297 -15.80 7.28 -12.27
C LYS A 297 -17.29 7.16 -11.97
N VAL A 298 -18.10 6.87 -13.00
CA VAL A 298 -19.56 6.88 -12.96
C VAL A 298 -20.07 5.74 -13.82
N VAL A 299 -21.09 5.02 -13.33
CA VAL A 299 -21.89 4.11 -14.15
C VAL A 299 -23.31 4.67 -14.21
N ILE A 300 -23.88 4.69 -15.41
CA ILE A 300 -25.23 5.18 -15.64
C ILE A 300 -26.12 3.96 -15.82
N VAL A 301 -27.17 3.85 -15.00
CA VAL A 301 -28.05 2.69 -15.04
C VAL A 301 -29.45 3.14 -15.46
N PRO A 302 -29.97 2.67 -16.59
CA PRO A 302 -31.33 3.04 -16.98
C PRO A 302 -32.37 2.22 -16.23
N ILE A 303 -33.49 2.87 -15.94
CA ILE A 303 -34.66 2.25 -15.34
C ILE A 303 -35.80 2.42 -16.32
N PHE A 304 -36.45 1.31 -16.68
CA PHE A 304 -37.52 1.33 -17.68
C PHE A 304 -38.92 1.18 -17.09
N TYR A 305 -39.05 0.49 -15.95
CA TYR A 305 -40.32 0.43 -15.21
C TYR A 305 -41.50 0.22 -16.16
N LYS A 306 -41.27 -0.56 -17.21
CA LYS A 306 -42.28 -0.99 -18.17
C LYS A 306 -42.80 0.16 -19.04
N THR A 307 -42.07 1.26 -19.13
CA THR A 307 -42.51 2.38 -19.97
C THR A 307 -42.81 1.89 -21.38
N THR A 308 -41.85 1.19 -21.97
CA THR A 308 -41.80 0.79 -23.37
C THR A 308 -41.25 1.93 -24.24
N ASP A 309 -41.14 3.17 -23.72
CA ASP A 309 -40.40 4.23 -24.41
C ASP A 309 -38.96 4.18 -23.90
N GLU A 310 -38.21 3.19 -24.40
CA GLU A 310 -36.84 2.99 -23.99
C GLU A 310 -35.89 3.92 -24.72
N ASN A 311 -36.21 4.26 -25.96
CA ASN A 311 -35.31 5.11 -26.72
C ASN A 311 -35.22 6.50 -26.13
N ALA A 312 -36.24 6.91 -25.38
CA ALA A 312 -36.10 8.18 -24.66
C ALA A 312 -35.13 8.04 -23.50
N ILE A 313 -35.22 6.93 -22.74
CA ILE A 313 -34.25 6.68 -21.68
C ILE A 313 -32.85 6.52 -22.26
N HIS A 314 -32.70 5.63 -23.23
CA HIS A 314 -31.39 5.44 -23.85
C HIS A 314 -30.80 6.76 -24.30
N SER A 315 -31.59 7.55 -25.02
CA SER A 315 -31.08 8.80 -25.57
C SER A 315 -30.62 9.76 -24.48
N TYR A 316 -31.31 9.74 -23.34
CA TYR A 316 -30.98 10.61 -22.22
C TYR A 316 -29.71 10.14 -21.52
N CYS A 317 -29.61 8.84 -21.23
CA CYS A 317 -28.41 8.31 -20.59
C CYS A 317 -27.18 8.53 -21.47
N LYS A 318 -27.31 8.35 -22.78
CA LYS A 318 -26.17 8.63 -23.64
C LYS A 318 -25.82 10.12 -23.65
N ASP A 319 -26.81 11.01 -23.51
CA ASP A 319 -26.48 12.43 -23.37
C ASP A 319 -25.60 12.63 -22.14
N ILE A 320 -25.98 12.04 -21.01
CA ILE A 320 -25.18 12.19 -19.80
C ILE A 320 -23.79 11.59 -20.00
N GLU A 321 -23.72 10.43 -20.65
CA GLU A 321 -22.42 9.85 -20.94
C GLU A 321 -21.54 10.80 -21.73
N LYS A 322 -22.11 11.50 -22.71
CA LYS A 322 -21.29 12.37 -23.54
C LYS A 322 -20.89 13.63 -22.77
N ILE A 323 -21.71 14.08 -21.84
CA ILE A 323 -21.32 15.24 -21.05
C ILE A 323 -20.13 14.91 -20.17
N LEU A 324 -20.12 13.72 -19.58
CA LEU A 324 -19.00 13.31 -18.74
C LEU A 324 -17.76 13.03 -19.56
N LYS A 325 -17.90 12.27 -20.65
CA LYS A 325 -16.70 11.93 -21.42
C LYS A 325 -16.06 13.15 -22.07
N ASN A 326 -16.87 14.11 -22.52
CA ASN A 326 -16.31 15.36 -23.06
C ASN A 326 -15.51 16.12 -22.00
N ALA A 327 -15.92 16.05 -20.73
CA ALA A 327 -15.14 16.65 -19.65
C ALA A 327 -14.03 15.72 -19.14
N GLN A 328 -13.74 14.63 -19.85
CA GLN A 328 -12.63 13.74 -19.52
C GLN A 328 -12.92 12.90 -18.27
N ILE A 329 -14.18 12.65 -17.95
CA ILE A 329 -14.56 11.79 -16.84
C ILE A 329 -15.02 10.47 -17.44
N ASN A 330 -14.17 9.45 -17.35
CA ASN A 330 -14.51 8.19 -17.98
C ASN A 330 -15.66 7.53 -17.24
N CYS A 331 -16.56 6.89 -17.99
CA CYS A 331 -17.75 6.32 -17.37
C CYS A 331 -18.28 5.22 -18.26
N VAL A 332 -19.30 4.52 -17.76
CA VAL A 332 -19.91 3.43 -18.52
C VAL A 332 -21.43 3.54 -18.44
N TYR A 333 -22.10 3.33 -19.57
CA TYR A 333 -23.56 3.25 -19.58
C TYR A 333 -23.96 1.78 -19.70
N ASP A 334 -24.51 1.23 -18.62
CA ASP A 334 -24.84 -0.19 -18.59
C ASP A 334 -26.23 -0.37 -19.20
N ASP A 335 -26.27 -0.53 -20.52
CA ASP A 335 -27.52 -0.68 -21.29
C ASP A 335 -27.84 -2.14 -21.58
N ARG A 336 -27.25 -3.06 -20.83
CA ARG A 336 -27.46 -4.48 -21.09
C ARG A 336 -28.93 -4.84 -20.91
N ALA A 337 -29.53 -5.42 -21.96
CA ALA A 337 -30.98 -5.61 -21.97
C ALA A 337 -31.44 -6.69 -21.01
N SER A 338 -30.62 -7.71 -20.77
CA SER A 338 -31.15 -8.90 -20.11
C SER A 338 -31.07 -8.85 -18.60
N TYR A 339 -30.59 -7.77 -18.00
CA TYR A 339 -30.43 -7.67 -16.55
C TYR A 339 -31.27 -6.52 -16.00
N SER A 340 -31.82 -6.72 -14.81
CA SER A 340 -32.60 -5.70 -14.11
C SER A 340 -31.72 -4.55 -13.59
N PRO A 341 -32.33 -3.40 -13.33
CA PRO A 341 -31.58 -2.33 -12.66
C PRO A 341 -30.96 -2.79 -11.33
N GLY A 342 -31.71 -3.52 -10.51
CA GLY A 342 -31.16 -3.94 -9.22
C GLY A 342 -29.93 -4.81 -9.39
N TYR A 343 -29.95 -5.68 -10.40
CA TYR A 343 -28.74 -6.44 -10.73
C TYR A 343 -27.60 -5.50 -11.07
N LYS A 344 -27.87 -4.49 -11.89
CA LYS A 344 -26.81 -3.57 -12.28
C LYS A 344 -26.28 -2.76 -11.10
N PHE A 345 -27.16 -2.31 -10.21
CA PHE A 345 -26.69 -1.59 -9.02
C PHE A 345 -25.64 -2.42 -8.28
N ASN A 346 -25.99 -3.66 -7.96
CA ASN A 346 -25.07 -4.53 -7.24
C ASN A 346 -23.81 -4.80 -8.07
N HIS A 347 -23.99 -5.07 -9.34
CA HIS A 347 -22.85 -5.34 -10.21
C HIS A 347 -21.77 -4.28 -10.04
N TRP A 348 -22.13 -2.99 -10.14
CA TRP A 348 -21.11 -1.95 -10.13
C TRP A 348 -20.73 -1.52 -8.73
N GLU A 349 -21.63 -1.69 -7.75
CA GLU A 349 -21.22 -1.48 -6.36
C GLU A 349 -20.15 -2.48 -5.97
N LEU A 350 -20.33 -3.74 -6.38
CA LEU A 350 -19.35 -4.76 -6.03
C LEU A 350 -17.98 -4.39 -6.62
N ARG A 351 -17.98 -3.80 -7.81
CA ARG A 351 -16.76 -3.45 -8.51
C ARG A 351 -16.21 -2.09 -8.08
N GLY A 352 -16.88 -1.41 -7.14
CA GLY A 352 -16.31 -0.21 -6.53
C GLY A 352 -16.50 1.08 -7.29
N ILE A 353 -17.41 1.14 -8.25
CA ILE A 353 -17.54 2.38 -9.02
C ILE A 353 -17.97 3.52 -8.10
N PRO A 354 -17.33 4.69 -8.15
CA PRO A 354 -17.56 5.72 -7.12
C PRO A 354 -18.97 6.28 -7.11
N ILE A 355 -19.59 6.39 -8.27
CA ILE A 355 -20.85 7.11 -8.46
C ILE A 355 -21.72 6.31 -9.41
N ARG A 356 -22.98 6.14 -9.06
CA ARG A 356 -23.99 5.62 -9.99
C ARG A 356 -25.02 6.70 -10.30
N ILE A 357 -25.32 6.89 -11.58
CA ILE A 357 -26.37 7.81 -12.00
C ILE A 357 -27.54 6.97 -12.48
N GLU A 358 -28.70 7.10 -11.82
CA GLU A 358 -29.91 6.37 -12.22
C GLU A 358 -30.83 7.27 -13.05
N VAL A 359 -31.33 6.75 -14.18
CA VAL A 359 -32.26 7.50 -15.03
C VAL A 359 -33.49 6.65 -15.31
N GLY A 360 -34.61 7.00 -14.66
CA GLY A 360 -35.90 6.41 -14.96
C GLY A 360 -36.86 7.42 -15.59
N PRO A 361 -38.13 7.03 -15.78
CA PRO A 361 -39.09 7.95 -16.44
C PRO A 361 -39.41 9.18 -15.59
N LYS A 362 -39.70 8.97 -14.30
CA LYS A 362 -39.93 10.11 -13.40
C LYS A 362 -38.78 11.11 -13.51
N ASP A 363 -37.55 10.62 -13.68
CA ASP A 363 -36.40 11.51 -13.81
C ASP A 363 -36.40 12.24 -15.14
N LEU A 364 -36.71 11.53 -16.22
CA LEU A 364 -36.76 12.16 -17.53
C LEU A 364 -37.77 13.30 -17.55
N GLN A 365 -38.96 13.08 -16.97
CA GLN A 365 -39.99 14.12 -16.97
C GLN A 365 -39.52 15.37 -16.23
N ASN A 366 -38.73 15.21 -15.17
CA ASN A 366 -38.24 16.33 -14.39
C ASN A 366 -36.91 16.89 -14.92
N ASN A 367 -36.39 16.37 -16.02
CA ASN A 367 -35.09 16.80 -16.54
C ASN A 367 -33.99 16.67 -15.47
N SER A 368 -34.02 15.58 -14.71
CA SER A 368 -33.01 15.33 -13.68
C SER A 368 -32.52 13.88 -13.78
N CYS A 369 -31.82 13.44 -12.74
CA CYS A 369 -31.30 12.09 -12.59
C CYS A 369 -30.91 11.91 -11.13
N VAL A 370 -30.87 10.66 -10.68
CA VAL A 370 -30.43 10.37 -9.31
C VAL A 370 -28.94 10.05 -9.32
N ILE A 371 -28.18 10.71 -8.46
CA ILE A 371 -26.75 10.47 -8.36
C ILE A 371 -26.50 9.86 -6.99
N VAL A 372 -25.87 8.68 -6.97
CA VAL A 372 -25.75 7.85 -5.78
C VAL A 372 -24.27 7.62 -5.49
N ARG A 373 -23.81 8.07 -4.31
CA ARG A 373 -22.42 7.91 -3.89
C ARG A 373 -22.15 6.50 -3.37
N ARG A 374 -21.06 5.87 -3.83
CA ARG A 374 -20.75 4.51 -3.37
C ARG A 374 -20.33 4.47 -1.92
N ASP A 375 -19.70 5.54 -1.40
CA ASP A 375 -19.12 5.42 -0.06
C ASP A 375 -20.20 5.39 1.02
N ASN A 376 -21.21 6.26 0.92
CA ASN A 376 -22.23 6.30 1.96
C ASN A 376 -23.64 6.10 1.42
N ASN A 377 -23.79 5.80 0.13
CA ASN A 377 -25.08 5.47 -0.48
C ASN A 377 -26.07 6.63 -0.43
N GLU A 378 -25.63 7.84 -0.10
CA GLU A 378 -26.54 8.99 -0.20
C GLU A 378 -26.96 9.21 -1.64
N LYS A 379 -28.23 9.52 -1.83
CA LYS A 379 -28.79 9.78 -3.15
C LYS A 379 -29.31 11.22 -3.20
N CYS A 380 -29.09 11.91 -4.32
CA CYS A 380 -29.73 13.20 -4.47
C CYS A 380 -30.09 13.42 -5.93
N ASN A 381 -31.13 14.23 -6.15
CA ASN A 381 -31.60 14.56 -7.47
C ASN A 381 -30.86 15.77 -7.99
N VAL A 382 -30.37 15.67 -9.22
CA VAL A 382 -29.57 16.70 -9.86
C VAL A 382 -30.19 17.00 -11.22
N LYS A 383 -30.37 18.29 -11.51
CA LYS A 383 -30.81 18.68 -12.84
C LYS A 383 -29.77 18.29 -13.88
N LYS A 384 -30.24 18.00 -15.08
CA LYS A 384 -29.32 17.51 -16.10
C LYS A 384 -28.16 18.47 -16.34
N GLU A 385 -28.43 19.77 -16.35
CA GLU A 385 -27.38 20.73 -16.63
C GLU A 385 -26.38 20.83 -15.50
N SER A 386 -26.76 20.42 -14.29
CA SER A 386 -25.86 20.48 -13.14
C SER A 386 -25.06 19.19 -12.94
N VAL A 387 -25.25 18.19 -13.81
CA VAL A 387 -24.65 16.89 -13.57
C VAL A 387 -23.12 16.95 -13.60
N LEU A 388 -22.55 17.67 -14.57
CA LEU A 388 -21.09 17.73 -14.67
C LEU A 388 -20.48 18.35 -13.41
N LEU A 389 -21.01 19.48 -12.99
CA LEU A 389 -20.42 20.11 -11.82
C LEU A 389 -20.68 19.30 -10.57
N GLU A 390 -21.92 18.82 -10.38
CA GLU A 390 -22.18 18.03 -9.18
C GLU A 390 -21.34 16.76 -9.16
N THR A 391 -21.10 16.15 -10.34
CA THR A 391 -20.28 14.95 -10.38
C THR A 391 -18.83 15.27 -9.98
N GLN A 392 -18.29 16.36 -10.52
CA GLN A 392 -16.90 16.71 -10.24
C GLN A 392 -16.71 16.90 -8.74
N GLN A 393 -17.63 17.63 -8.10
CA GLN A 393 -17.48 17.93 -6.68
C GLN A 393 -17.65 16.68 -5.84
N MET A 394 -18.62 15.85 -6.21
CA MET A 394 -18.91 14.63 -5.46
C MET A 394 -17.72 13.68 -5.50
N LEU A 395 -17.04 13.59 -6.64
CA LEU A 395 -15.85 12.73 -6.71
C LEU A 395 -14.77 13.22 -5.74
N VAL A 396 -14.60 14.54 -5.67
CA VAL A 396 -13.69 15.13 -4.70
C VAL A 396 -14.14 14.81 -3.27
N ASP A 397 -15.44 14.94 -3.02
CA ASP A 397 -15.95 14.76 -1.66
C ASP A 397 -15.88 13.31 -1.23
N ILE A 398 -16.09 12.39 -2.17
CA ILE A 398 -15.98 10.98 -1.81
C ILE A 398 -14.58 10.67 -1.30
N HIS A 399 -13.55 11.16 -2.00
CA HIS A 399 -12.19 10.93 -1.55
C HIS A 399 -11.95 11.53 -0.18
N LYS A 400 -12.36 12.78 0.02
CA LYS A 400 -12.18 13.42 1.31
C LYS A 400 -12.81 12.60 2.43
N ASN A 401 -14.04 12.11 2.18
CA ASN A 401 -14.75 11.33 3.20
C ASN A 401 -14.09 9.99 3.44
N LEU A 402 -13.59 9.34 2.38
CA LEU A 402 -12.94 8.06 2.59
C LEU A 402 -11.69 8.25 3.46
N PHE A 403 -10.92 9.29 3.17
CA PHE A 403 -9.70 9.54 3.94
C PHE A 403 -10.03 9.90 5.38
N LEU A 404 -10.98 10.82 5.60
CA LEU A 404 -11.24 11.26 6.98
C LEU A 404 -11.80 10.14 7.83
N LYS A 405 -12.69 9.32 7.27
CA LYS A 405 -13.21 8.19 8.02
C LYS A 405 -12.08 7.25 8.39
N ALA A 406 -11.21 6.93 7.44
CA ALA A 406 -10.08 6.07 7.74
C ALA A 406 -9.13 6.70 8.76
N LYS A 407 -8.90 8.02 8.65
CA LYS A 407 -8.02 8.70 9.60
C LYS A 407 -8.56 8.64 11.02
N LYS A 408 -9.87 8.78 11.19
CA LYS A 408 -10.46 8.67 12.53
C LYS A 408 -10.32 7.25 13.08
N LYS A 409 -10.51 6.24 12.23
CA LYS A 409 -10.34 4.88 12.71
C LYS A 409 -8.88 4.60 13.09
N LEU A 410 -7.93 5.16 12.33
CA LEU A 410 -6.53 5.01 12.72
C LEU A 410 -6.25 5.69 14.06
N ASP A 411 -6.64 6.95 14.19
CA ASP A 411 -6.48 7.65 15.48
C ASP A 411 -7.07 6.84 16.63
N ASP A 412 -8.25 6.26 16.42
CA ASP A 412 -8.92 5.55 17.48
C ASP A 412 -8.28 4.22 17.82
N SER A 413 -7.37 3.73 16.98
N SER A 413 -7.36 3.75 16.99
CA SER A 413 -6.81 2.40 17.19
CA SER A 413 -6.79 2.41 17.16
C SER A 413 -5.55 2.41 18.06
C SER A 413 -5.58 2.40 18.08
N ILE A 414 -5.13 3.58 18.54
CA ILE A 414 -3.92 3.69 19.34
C ILE A 414 -4.29 3.97 20.80
N VAL A 415 -3.81 3.13 21.70
CA VAL A 415 -3.97 3.31 23.16
C VAL A 415 -2.59 3.58 23.73
N GLN A 416 -2.47 4.67 24.49
CA GLN A 416 -1.19 5.01 25.10
C GLN A 416 -1.13 4.33 26.47
N VAL A 417 -0.01 3.67 26.75
CA VAL A 417 0.14 2.85 27.95
C VAL A 417 1.47 3.22 28.60
N THR A 418 1.55 2.98 29.92
CA THR A 418 2.82 3.07 30.60
C THR A 418 3.31 1.73 31.16
N SER A 419 2.44 0.75 31.30
CA SER A 419 2.91 -0.53 31.82
C SER A 419 2.42 -1.67 30.95
N PHE A 420 3.11 -2.79 31.07
CA PHE A 420 2.73 -3.96 30.32
C PHE A 420 1.36 -4.49 30.72
N SER A 421 0.94 -4.23 31.96
CA SER A 421 -0.34 -4.80 32.40
C SER A 421 -1.50 -4.29 31.57
N GLU A 422 -1.36 -3.09 30.97
CA GLU A 422 -2.40 -2.56 30.10
C GLU A 422 -2.37 -3.13 28.69
N VAL A 423 -1.33 -3.88 28.31
CA VAL A 423 -1.09 -4.16 26.90
C VAL A 423 -2.07 -5.19 26.36
N MET A 424 -2.21 -6.33 27.04
CA MET A 424 -3.02 -7.40 26.44
C MET A 424 -4.47 -6.97 26.31
N ASN A 425 -4.95 -6.10 27.21
CA ASN A 425 -6.31 -5.59 27.09
C ASN A 425 -6.47 -4.80 25.79
N ALA A 426 -5.50 -3.93 25.51
CA ALA A 426 -5.58 -3.16 24.28
C ALA A 426 -5.50 -4.06 23.05
N LEU A 427 -4.60 -5.05 23.03
CA LEU A 427 -4.53 -5.90 21.83
C LEU A 427 -5.85 -6.62 21.60
N ASN A 428 -6.50 -7.09 22.66
CA ASN A 428 -7.70 -7.89 22.47
C ASN A 428 -8.88 -7.04 22.05
N LYS A 429 -8.80 -5.73 22.26
CA LYS A 429 -9.73 -4.78 21.66
C LYS A 429 -9.30 -4.36 20.27
N LYS A 430 -8.36 -5.08 19.64
CA LYS A 430 -7.94 -4.80 18.25
C LYS A 430 -7.23 -3.45 18.15
N LYS A 431 -6.38 -3.15 19.14
CA LYS A 431 -5.71 -1.87 19.22
C LYS A 431 -4.20 -2.06 19.05
N MET A 432 -3.53 -0.97 18.68
CA MET A 432 -2.09 -0.79 18.84
C MET A 432 -1.86 -0.06 20.17
N VAL A 433 -0.66 -0.20 20.74
CA VAL A 433 -0.29 0.55 21.95
C VAL A 433 0.90 1.43 21.66
N LEU A 434 0.83 2.66 22.15
CA LEU A 434 1.97 3.56 22.21
C LEU A 434 2.57 3.49 23.62
N ALA A 435 3.82 3.07 23.73
CA ALA A 435 4.38 2.72 25.03
C ALA A 435 5.79 3.29 25.19
N PRO A 436 6.20 3.64 26.42
CA PRO A 436 7.57 4.11 26.59
C PRO A 436 8.50 2.91 26.61
N TRP A 437 9.62 3.03 25.89
CA TRP A 437 10.44 1.86 25.63
C TRP A 437 11.92 2.22 25.68
N CYS A 438 12.74 1.31 26.23
CA CYS A 438 14.17 1.52 26.30
C CYS A 438 14.87 1.21 24.99
N GLU A 439 14.19 0.55 24.05
CA GLU A 439 14.65 0.29 22.70
C GLU A 439 15.76 -0.75 22.63
N ASP A 440 16.05 -1.44 23.73
CA ASP A 440 17.05 -2.52 23.68
C ASP A 440 16.60 -3.66 22.79
N ILE A 441 17.41 -3.98 21.78
CA ILE A 441 17.00 -4.98 20.80
C ILE A 441 16.64 -6.30 21.47
N ALA A 442 17.31 -6.62 22.58
CA ALA A 442 17.04 -7.88 23.28
C ALA A 442 15.56 -8.00 23.67
N THR A 443 14.95 -6.90 24.07
CA THR A 443 13.59 -6.96 24.57
C THR A 443 12.57 -7.26 23.48
N GLU A 444 12.94 -7.14 22.21
CA GLU A 444 11.95 -7.32 21.14
C GLU A 444 11.45 -8.76 21.10
N GLU A 445 12.36 -9.73 21.13
CA GLU A 445 11.92 -11.12 21.11
C GLU A 445 11.18 -11.48 22.38
N GLU A 446 11.54 -10.84 23.50
CA GLU A 446 10.87 -11.11 24.76
C GLU A 446 9.42 -10.66 24.71
N ILE A 447 9.20 -9.44 24.21
CA ILE A 447 7.85 -8.91 24.07
C ILE A 447 7.04 -9.76 23.12
N LYS A 448 7.63 -10.19 22.00
CA LYS A 448 6.91 -11.05 21.06
C LYS A 448 6.49 -12.36 21.72
N LYS A 449 7.44 -13.02 22.40
CA LYS A 449 7.16 -14.28 23.08
C LYS A 449 6.00 -14.13 24.06
N GLU A 450 6.08 -13.16 24.96
CA GLU A 450 5.11 -13.06 26.04
C GLU A 450 3.73 -12.67 25.52
N THR A 451 3.67 -11.74 24.54
CA THR A 451 2.34 -11.39 24.04
C THR A 451 1.74 -12.55 23.25
N GLN A 452 2.56 -13.31 22.54
CA GLN A 452 2.03 -14.49 21.85
C GLN A 452 1.55 -15.53 22.85
N ARG A 453 2.32 -15.76 23.92
CA ARG A 453 1.91 -16.73 24.94
C ARG A 453 0.55 -16.35 25.51
N LEU A 454 0.36 -15.08 25.88
CA LEU A 454 -0.89 -14.63 26.48
C LEU A 454 -2.03 -14.41 25.48
N SER A 455 -1.84 -14.68 24.19
CA SER A 455 -2.94 -14.61 23.25
C SER A 455 -3.73 -15.92 23.27
N LEU A 456 -5.06 -15.82 23.34
CA LEU A 456 -5.90 -17.05 23.32
C LEU A 456 -7.22 -16.66 22.65
N ASN A 457 -7.29 -16.89 21.34
CA ASN A 457 -8.49 -16.54 20.56
C ASN A 457 -9.50 -17.67 20.61
N THR A 463 -8.39 -16.29 14.29
CA THR A 463 -7.57 -16.01 13.12
C THR A 463 -6.37 -16.97 12.97
N THR A 464 -5.73 -16.96 11.80
CA THR A 464 -4.60 -17.84 11.52
C THR A 464 -3.24 -17.14 11.55
N LEU A 465 -3.21 -15.81 11.73
CA LEU A 465 -1.95 -15.07 11.86
C LEU A 465 -1.54 -15.00 13.33
N SER A 466 -0.26 -14.64 13.53
CA SER A 466 0.36 -14.74 14.85
C SER A 466 -0.25 -13.81 15.89
N GLY A 467 -0.23 -14.26 17.14
CA GLY A 467 -0.67 -13.43 18.23
C GLY A 467 0.39 -12.51 18.77
N ALA A 468 1.64 -12.67 18.34
CA ALA A 468 2.73 -11.84 18.82
C ALA A 468 2.52 -10.36 18.49
N MET A 469 2.81 -9.51 19.47
CA MET A 469 2.91 -8.08 19.26
C MET A 469 4.35 -7.74 18.96
N LYS A 470 4.58 -6.88 17.98
CA LYS A 470 5.95 -6.50 17.73
C LYS A 470 6.10 -4.99 17.64
N PRO A 471 7.34 -4.49 17.70
CA PRO A 471 7.53 -3.03 17.55
C PRO A 471 7.27 -2.64 16.10
N LEU A 472 6.31 -1.74 15.94
CA LEU A 472 5.92 -1.27 14.61
C LEU A 472 6.83 -0.15 14.14
N CYS A 473 6.83 0.98 14.84
CA CYS A 473 7.77 2.05 14.54
C CYS A 473 7.82 3.00 15.74
N ILE A 474 8.96 3.67 15.88
CA ILE A 474 9.10 4.80 16.79
C ILE A 474 8.60 6.04 16.05
N PRO A 475 7.43 6.57 16.38
CA PRO A 475 6.85 7.64 15.52
C PRO A 475 7.75 8.86 15.44
N LEU A 476 7.78 9.48 14.26
CA LEU A 476 8.53 10.74 14.14
C LEU A 476 7.95 11.80 15.06
N ASP A 477 6.64 11.78 15.25
CA ASP A 477 5.93 12.74 16.10
C ASP A 477 5.87 12.15 17.50
N GLN A 478 6.75 12.66 18.39
CA GLN A 478 6.93 12.08 19.71
C GLN A 478 6.21 12.91 20.76
N PRO A 479 5.50 12.28 21.69
CA PRO A 479 5.02 13.03 22.87
C PRO A 479 6.17 13.34 23.79
N PRO A 480 5.99 14.24 24.75
CA PRO A 480 7.03 14.43 25.76
C PRO A 480 7.28 13.12 26.48
N MET A 481 8.55 12.79 26.69
CA MET A 481 8.96 11.72 27.60
C MET A 481 9.15 12.26 29.02
N PRO A 482 8.20 12.04 29.94
CA PRO A 482 8.35 12.55 31.32
C PRO A 482 9.72 12.27 31.89
N PRO A 483 10.14 13.01 32.92
CA PRO A 483 11.55 12.94 33.35
C PRO A 483 11.97 11.57 33.84
N ASN A 484 11.11 10.87 34.58
CA ASN A 484 11.52 9.59 35.15
C ASN A 484 10.72 8.41 34.57
N MET A 485 10.13 8.55 33.38
CA MET A 485 9.34 7.46 32.84
C MET A 485 10.20 6.22 32.59
N LYS A 486 9.70 5.06 33.01
CA LYS A 486 10.46 3.84 32.82
C LYS A 486 9.92 3.07 31.60
N CYS A 487 10.78 2.21 31.04
CA CYS A 487 10.39 1.35 29.94
C CYS A 487 9.29 0.38 30.38
N PHE A 488 8.19 0.33 29.62
CA PHE A 488 7.05 -0.50 30.01
C PHE A 488 7.41 -1.96 30.16
N TRP A 489 8.57 -2.38 29.65
CA TRP A 489 8.92 -3.79 29.64
C TRP A 489 10.06 -4.12 30.57
N SER A 490 11.18 -3.40 30.44
CA SER A 490 12.39 -3.71 31.18
C SER A 490 12.52 -2.95 32.49
N GLY A 491 11.72 -1.92 32.74
CA GLY A 491 11.93 -1.05 33.88
C GLY A 491 13.09 -0.08 33.74
N LYS A 492 13.97 -0.26 32.75
CA LYS A 492 15.05 0.72 32.55
C LYS A 492 14.44 2.08 32.26
N PRO A 493 15.23 3.15 32.22
CA PRO A 493 14.67 4.43 31.79
C PRO A 493 14.24 4.33 30.32
N ALA A 494 13.04 4.84 30.04
CA ALA A 494 12.54 4.85 28.67
C ALA A 494 13.28 5.90 27.84
N LYS A 495 13.49 5.59 26.56
CA LYS A 495 14.06 6.57 25.63
C LYS A 495 13.00 7.33 24.87
N ARG A 496 12.13 6.63 24.15
CA ARG A 496 11.09 7.28 23.36
C ARG A 496 9.83 6.44 23.41
N TRP A 497 8.75 6.99 22.87
CA TRP A 497 7.51 6.25 22.71
C TRP A 497 7.57 5.44 21.43
N CYS A 498 7.12 4.19 21.49
CA CYS A 498 7.17 3.28 20.35
C CYS A 498 5.82 2.63 20.17
N LEU A 499 5.35 2.49 18.92
CA LEU A 499 4.10 1.80 18.65
C LEU A 499 4.37 0.30 18.54
N PHE A 500 3.56 -0.50 19.24
CA PHE A 500 3.60 -1.94 19.14
C PHE A 500 2.22 -2.45 18.76
N GLY A 501 2.18 -3.58 18.06
CA GLY A 501 0.88 -4.17 17.73
C GLY A 501 1.05 -5.52 17.06
N ARG A 502 -0.06 -6.21 16.92
CA ARG A 502 -0.04 -7.37 16.03
C ARG A 502 0.02 -6.86 14.60
N SER A 503 0.53 -7.68 13.67
CA SER A 503 0.77 -7.14 12.34
C SER A 503 0.69 -8.24 11.32
N TYR A 504 0.53 -7.81 10.07
CA TYR A 504 0.74 -8.66 8.91
C TYR A 504 2.23 -8.73 8.60
#